data_3KDQ
#
_entry.id   3KDQ
#
_cell.length_a   77.676
_cell.length_b   132.484
_cell.length_c   176.314
_cell.angle_alpha   90.00
_cell.angle_beta   90.00
_cell.angle_gamma   90.00
#
_symmetry.space_group_name_H-M   'I 2 2 2'
#
_entity_poly.entity_id   1
_entity_poly.type   'polypeptide(L)'
_entity_poly.pdbx_seq_one_letter_code
;SNA(MSE)YLAEALAQRVEAQRRYSELNQLLLDVAKVQEGDQPAENPHEILTELEELTTRINDLVRRINRTNSVTEFSEG
(MSE)TLADALSVRDALLKKRTLYSDLADQLTSRQDRYSRSEIKYVAT(MSE)DAREIRKKADLAAKEYRQLDVDIQRLN
WQTELQ
;
_entity_poly.pdbx_strand_id   A,B,C,D
#
# COMPACT_ATOMS: atom_id res chain seq x y z
N ALA A 3 9.20 -9.66 -37.89
CA ALA A 3 10.24 -10.01 -36.93
C ALA A 3 11.55 -9.23 -37.18
N MSE A 4 12.30 -8.98 -36.10
CA MSE A 4 13.42 -8.03 -36.12
C MSE A 4 14.41 -8.27 -34.96
O MSE A 4 14.29 -9.23 -34.22
CB MSE A 4 12.88 -6.62 -35.96
CG MSE A 4 12.43 -6.36 -34.53
SE MSE A 4 10.93 -5.13 -34.28
CE MSE A 4 9.71 -6.34 -33.37
N TYR A 5 15.36 -7.34 -34.82
CA TYR A 5 16.32 -7.37 -33.71
C TYR A 5 15.73 -6.82 -32.41
N LEU A 6 16.12 -7.40 -31.29
CA LEU A 6 15.68 -6.97 -29.96
C LEU A 6 15.82 -5.46 -29.72
N ALA A 7 16.91 -4.88 -30.20
CA ALA A 7 17.08 -3.43 -30.08
C ALA A 7 15.91 -2.68 -30.71
N GLU A 8 15.53 -3.07 -31.94
CA GLU A 8 14.44 -2.42 -32.66
C GLU A 8 13.16 -2.51 -31.85
N ALA A 9 12.95 -3.67 -31.23
CA ALA A 9 11.79 -3.93 -30.37
C ALA A 9 11.70 -2.99 -29.16
N LEU A 10 12.83 -2.75 -28.50
CA LEU A 10 12.90 -1.82 -27.38
C LEU A 10 12.43 -0.44 -27.81
N ALA A 11 12.85 -0.03 -29.01
CA ALA A 11 12.47 1.26 -29.56
C ALA A 11 10.98 1.32 -29.78
N GLN A 12 10.44 0.33 -30.48
CA GLN A 12 9.01 0.27 -30.71
C GLN A 12 8.18 0.32 -29.43
N ARG A 13 8.57 -0.43 -28.39
CA ARG A 13 7.84 -0.36 -27.14
C ARG A 13 7.77 1.11 -26.73
N VAL A 14 8.92 1.74 -26.61
CA VAL A 14 9.00 3.13 -26.16
C VAL A 14 8.08 4.08 -26.91
N GLU A 15 8.13 4.03 -28.24
CA GLU A 15 7.24 4.81 -29.11
C GLU A 15 5.78 4.54 -28.77
N ALA A 16 5.41 3.27 -28.75
CA ALA A 16 4.01 2.91 -28.49
C ALA A 16 3.51 3.47 -27.17
N GLN A 17 4.22 3.21 -26.07
CA GLN A 17 3.77 3.71 -24.76
C GLN A 17 3.65 5.23 -24.78
N ARG A 18 4.38 5.87 -25.70
CA ARG A 18 4.38 7.33 -25.81
C ARG A 18 3.10 7.74 -26.52
N ARG A 19 2.83 7.06 -27.63
CA ARG A 19 1.60 7.25 -28.36
C ARG A 19 0.43 6.99 -27.42
N TYR A 20 0.47 5.85 -26.72
CA TYR A 20 -0.58 5.50 -25.78
C TYR A 20 -0.85 6.65 -24.83
N SER A 21 0.19 7.08 -24.11
CA SER A 21 0.07 8.18 -23.18
C SER A 21 -0.57 9.40 -23.84
N GLU A 22 -0.23 9.61 -25.12
CA GLU A 22 -0.70 10.78 -25.85
C GLU A 22 -2.16 10.65 -26.30
N LEU A 23 -2.49 9.50 -26.88
CA LEU A 23 -3.87 9.18 -27.17
C LEU A 23 -4.72 9.17 -25.90
N ASN A 24 -4.20 8.55 -24.85
CA ASN A 24 -4.88 8.56 -23.55
C ASN A 24 -5.26 9.98 -23.15
N GLN A 25 -4.32 10.91 -23.32
CA GLN A 25 -4.55 12.31 -23.03
C GLN A 25 -5.69 12.84 -23.89
N LEU A 26 -5.53 12.75 -25.21
CA LEU A 26 -6.51 13.25 -26.15
C LEU A 26 -7.93 12.80 -25.80
N LEU A 27 -8.10 11.49 -25.68
CA LEU A 27 -9.35 10.89 -25.30
C LEU A 27 -10.04 11.67 -24.19
N LEU A 28 -9.36 11.87 -23.06
CA LEU A 28 -9.96 12.57 -21.93
C LEU A 28 -10.39 14.02 -22.25
N ASP A 29 -9.56 14.74 -22.99
CA ASP A 29 -9.87 16.13 -23.31
C ASP A 29 -11.16 16.15 -24.12
N VAL A 30 -11.18 15.24 -25.08
CA VAL A 30 -12.25 15.06 -26.03
C VAL A 30 -13.46 14.28 -25.45
N ALA A 31 -13.39 13.87 -24.19
CA ALA A 31 -14.51 13.11 -23.61
C ALA A 31 -15.72 13.94 -23.26
N LYS A 32 -15.54 15.25 -23.10
CA LYS A 32 -16.64 16.16 -22.82
C LYS A 32 -16.72 17.33 -23.81
N VAL A 33 -17.64 18.24 -23.49
CA VAL A 33 -18.02 19.36 -24.34
C VAL A 33 -19.19 20.09 -23.66
N GLN A 34 -19.56 21.26 -24.17
CA GLN A 34 -20.87 21.84 -23.90
C GLN A 34 -21.76 21.64 -25.17
N GLU A 35 -23.05 21.93 -25.03
CA GLU A 35 -24.09 21.71 -26.05
C GLU A 35 -23.66 21.40 -27.50
N GLY A 36 -23.36 22.46 -28.24
CA GLY A 36 -23.28 22.36 -29.68
C GLY A 36 -21.87 22.35 -30.23
N ASP A 37 -21.01 21.54 -29.63
CA ASP A 37 -19.66 21.41 -30.15
C ASP A 37 -19.58 20.25 -31.13
N GLN A 38 -18.40 19.65 -31.14
CA GLN A 38 -18.10 18.46 -31.92
C GLN A 38 -16.82 17.86 -31.35
N PRO A 39 -16.62 16.54 -31.52
CA PRO A 39 -15.37 15.96 -31.06
C PRO A 39 -14.27 16.35 -32.01
N ALA A 40 -13.29 17.11 -31.52
CA ALA A 40 -12.11 17.41 -32.29
C ALA A 40 -11.65 16.19 -33.13
N GLU A 41 -11.64 15.01 -32.49
CA GLU A 41 -11.45 13.73 -33.17
C GLU A 41 -12.56 12.81 -32.65
N ASN A 42 -12.74 11.61 -33.22
CA ASN A 42 -13.82 10.77 -32.70
C ASN A 42 -13.42 9.82 -31.60
N PRO A 43 -13.91 10.10 -30.40
CA PRO A 43 -13.70 9.33 -29.17
C PRO A 43 -13.67 7.85 -29.44
N HIS A 44 -14.81 7.29 -29.84
CA HIS A 44 -14.92 5.84 -30.02
C HIS A 44 -13.82 5.30 -30.93
N GLU A 45 -13.37 6.14 -31.87
CA GLU A 45 -12.29 5.77 -32.79
C GLU A 45 -10.98 5.78 -32.06
N ILE A 46 -10.70 6.90 -31.41
CA ILE A 46 -9.51 7.05 -30.58
C ILE A 46 -9.40 5.95 -29.52
N LEU A 47 -10.52 5.61 -28.91
CA LEU A 47 -10.53 4.52 -27.94
C LEU A 47 -10.07 3.22 -28.58
N THR A 48 -10.58 2.86 -29.75
CA THR A 48 -10.12 1.63 -30.36
C THR A 48 -8.64 1.70 -30.79
N GLU A 49 -8.19 2.85 -31.29
CA GLU A 49 -6.80 3.06 -31.69
C GLU A 49 -5.89 2.67 -30.54
N LEU A 50 -6.37 2.98 -29.34
CA LEU A 50 -5.65 2.79 -28.09
C LEU A 50 -5.66 1.33 -27.68
N GLU A 51 -6.84 0.72 -27.72
CA GLU A 51 -7.00 -0.66 -27.30
C GLU A 51 -6.17 -1.57 -28.22
N GLU A 52 -5.87 -1.06 -29.41
CA GLU A 52 -5.04 -1.76 -30.39
C GLU A 52 -3.56 -1.64 -30.07
N LEU A 53 -3.13 -0.44 -29.70
CA LEU A 53 -1.77 -0.26 -29.18
C LEU A 53 -1.55 -1.19 -27.98
N THR A 54 -2.51 -1.22 -27.07
CA THR A 54 -2.40 -2.02 -25.87
C THR A 54 -2.06 -3.47 -26.22
N THR A 55 -2.90 -4.14 -26.99
CA THR A 55 -2.63 -5.54 -27.33
C THR A 55 -1.34 -5.69 -28.12
N ARG A 56 -0.90 -4.59 -28.73
CA ARG A 56 0.33 -4.58 -29.51
C ARG A 56 1.53 -4.45 -28.60
N ILE A 57 1.53 -3.43 -27.76
CA ILE A 57 2.56 -3.25 -26.74
C ILE A 57 2.77 -4.51 -25.93
N ASN A 58 1.66 -5.08 -25.46
CA ASN A 58 1.70 -6.23 -24.58
C ASN A 58 2.34 -7.43 -25.24
N ASP A 59 2.33 -7.40 -26.56
CA ASP A 59 2.98 -8.41 -27.38
C ASP A 59 4.50 -8.24 -27.31
N LEU A 60 4.98 -7.07 -27.71
CA LEU A 60 6.41 -6.74 -27.64
C LEU A 60 7.02 -7.00 -26.26
N VAL A 61 6.28 -6.67 -25.22
CA VAL A 61 6.75 -6.91 -23.88
C VAL A 61 6.97 -8.39 -23.65
N ARG A 62 5.92 -9.19 -23.90
CA ARG A 62 5.99 -10.64 -23.73
C ARG A 62 7.12 -11.24 -24.56
N ARG A 63 7.36 -10.67 -25.73
CA ARG A 63 8.41 -11.15 -26.62
C ARG A 63 9.78 -10.71 -26.14
N ILE A 64 9.94 -9.42 -25.91
CA ILE A 64 11.16 -8.85 -25.34
C ILE A 64 11.54 -9.59 -24.05
N ASN A 65 10.59 -9.72 -23.12
CA ASN A 65 10.76 -10.55 -21.93
C ASN A 65 11.34 -11.92 -22.24
N ARG A 66 10.67 -12.68 -23.11
CA ARG A 66 11.13 -14.02 -23.44
C ARG A 66 12.56 -14.00 -23.91
N THR A 67 12.85 -13.18 -24.93
CA THR A 67 14.21 -13.17 -25.46
C THR A 67 15.26 -12.73 -24.44
N ASN A 68 14.94 -11.78 -23.58
CA ASN A 68 15.90 -11.38 -22.55
C ASN A 68 16.27 -12.57 -21.67
N SER A 69 15.30 -13.42 -21.36
CA SER A 69 15.51 -14.46 -20.39
C SER A 69 15.99 -15.74 -21.07
N VAL A 70 16.40 -15.63 -22.33
CA VAL A 70 16.79 -16.81 -23.10
C VAL A 70 18.09 -16.59 -23.86
N THR A 71 18.44 -15.32 -24.05
CA THR A 71 19.66 -14.96 -24.73
C THR A 71 20.80 -14.94 -23.74
N GLU A 72 21.90 -15.60 -24.10
CA GLU A 72 23.06 -15.60 -23.21
C GLU A 72 23.92 -14.35 -23.36
N PHE A 73 24.15 -13.68 -22.24
CA PHE A 73 24.94 -12.46 -22.20
C PHE A 73 26.40 -12.81 -21.95
N SER A 74 26.63 -13.79 -21.08
CA SER A 74 27.98 -14.26 -20.78
C SER A 74 27.92 -15.58 -20.02
N GLU A 75 29.10 -16.11 -19.70
CA GLU A 75 29.20 -17.35 -18.94
C GLU A 75 28.21 -17.40 -17.77
N GLY A 76 27.10 -18.11 -17.95
CA GLY A 76 26.15 -18.30 -16.88
C GLY A 76 25.27 -17.09 -16.59
N MSE A 77 25.16 -16.20 -17.56
CA MSE A 77 24.33 -15.02 -17.35
C MSE A 77 23.42 -14.72 -18.53
O MSE A 77 23.88 -14.37 -19.61
CB MSE A 77 25.19 -13.79 -17.08
CG MSE A 77 25.51 -13.53 -15.61
SE MSE A 77 26.33 -11.75 -15.42
CE MSE A 77 26.94 -11.87 -13.59
N THR A 78 22.12 -14.85 -18.30
CA THR A 78 21.12 -14.48 -19.30
C THR A 78 21.19 -12.96 -19.46
N LEU A 79 20.58 -12.43 -20.51
CA LEU A 79 20.49 -10.99 -20.67
C LEU A 79 19.57 -10.39 -19.61
N ALA A 80 18.67 -11.21 -19.11
CA ALA A 80 17.72 -10.74 -18.11
C ALA A 80 18.48 -10.52 -16.83
N ASP A 81 19.47 -11.39 -16.62
CA ASP A 81 20.31 -11.33 -15.43
C ASP A 81 21.17 -10.09 -15.48
N ALA A 82 21.67 -9.77 -16.67
CA ALA A 82 22.56 -8.63 -16.86
C ALA A 82 21.82 -7.34 -16.75
N LEU A 83 20.60 -7.34 -17.27
CA LEU A 83 19.76 -6.16 -17.18
C LEU A 83 19.59 -5.75 -15.72
N SER A 84 19.35 -6.72 -14.83
CA SER A 84 19.11 -6.38 -13.43
C SER A 84 20.40 -6.01 -12.66
N VAL A 85 21.52 -6.64 -13.02
CA VAL A 85 22.80 -6.13 -12.55
C VAL A 85 23.03 -4.67 -12.93
N ARG A 86 22.71 -4.31 -14.17
CA ARG A 86 22.86 -2.94 -14.58
C ARG A 86 22.02 -2.00 -13.73
N ASP A 87 20.80 -2.42 -13.39
CA ASP A 87 19.92 -1.60 -12.55
C ASP A 87 20.54 -1.40 -11.18
N ALA A 88 21.01 -2.50 -10.61
CA ALA A 88 21.70 -2.52 -9.33
C ALA A 88 22.93 -1.61 -9.34
N LEU A 89 23.68 -1.59 -10.44
CA LEU A 89 24.87 -0.75 -10.52
C LEU A 89 24.51 0.71 -10.50
N LEU A 90 23.39 1.05 -11.12
CA LEU A 90 22.90 2.40 -11.09
C LEU A 90 22.47 2.78 -9.67
N LYS A 91 21.61 1.94 -9.09
CA LYS A 91 21.15 2.15 -7.72
C LYS A 91 22.39 2.42 -6.87
N LYS A 92 23.42 1.60 -7.06
CA LYS A 92 24.69 1.69 -6.33
C LYS A 92 25.42 2.98 -6.61
N ARG A 93 25.58 3.33 -7.88
CA ARG A 93 26.26 4.59 -8.19
C ARG A 93 25.53 5.77 -7.57
N THR A 94 24.22 5.78 -7.69
CA THR A 94 23.46 6.86 -7.10
C THR A 94 23.82 6.97 -5.61
N LEU A 95 23.80 5.83 -4.93
CA LEU A 95 24.09 5.76 -3.50
C LEU A 95 25.37 6.49 -3.13
N TYR A 96 26.50 6.08 -3.68
CA TYR A 96 27.78 6.71 -3.34
C TYR A 96 27.83 8.18 -3.73
N SER A 97 27.28 8.54 -4.89
CA SER A 97 27.25 9.94 -5.33
C SER A 97 26.54 10.84 -4.33
N ASP A 98 25.37 10.40 -3.85
CA ASP A 98 24.59 11.14 -2.87
C ASP A 98 25.32 11.29 -1.56
N LEU A 99 25.88 10.17 -1.11
CA LEU A 99 26.65 10.11 0.12
C LEU A 99 27.80 11.09 0.03
N ALA A 100 28.51 11.08 -1.09
CA ALA A 100 29.68 11.92 -1.24
C ALA A 100 29.32 13.40 -1.15
N ASP A 101 28.40 13.83 -2.01
CA ASP A 101 28.17 15.26 -2.06
C ASP A 101 27.36 15.71 -0.83
N GLN A 102 26.93 14.74 -0.04
CA GLN A 102 26.38 15.03 1.30
C GLN A 102 27.49 15.23 2.36
N LEU A 103 28.68 14.68 2.07
CA LEU A 103 29.88 14.89 2.89
C LEU A 103 30.61 16.18 2.53
N THR A 104 30.34 16.69 1.34
CA THR A 104 31.00 17.91 0.89
C THR A 104 30.00 19.07 0.80
N SER A 105 28.72 18.73 0.89
CA SER A 105 27.70 19.74 1.12
C SER A 105 28.16 20.53 2.32
N ARG A 106 28.14 21.85 2.19
CA ARG A 106 28.66 22.66 3.26
C ARG A 106 27.59 23.60 3.74
N GLN A 107 27.47 23.74 5.06
CA GLN A 107 26.58 24.74 5.66
C GLN A 107 27.29 25.43 6.83
N ASP A 108 27.41 26.76 6.73
CA ASP A 108 28.31 27.56 7.57
C ASP A 108 27.58 28.42 8.63
N ARG A 109 28.25 28.63 9.78
CA ARG A 109 27.65 29.30 11.00
C ARG A 109 28.10 30.72 11.17
N TYR A 110 27.72 31.30 12.31
CA TYR A 110 27.95 32.74 12.61
C TYR A 110 29.05 32.90 13.67
N SER A 111 28.84 32.34 14.87
CA SER A 111 29.86 32.23 15.90
C SER A 111 30.69 31.03 15.55
N ARG A 112 32.00 31.21 15.76
CA ARG A 112 32.92 30.09 15.94
C ARG A 112 32.55 29.21 17.17
N SER A 113 31.59 29.66 17.98
CA SER A 113 31.18 28.94 19.20
C SER A 113 29.95 28.06 18.98
N GLU A 114 29.62 27.84 17.71
CA GLU A 114 28.42 27.12 17.28
C GLU A 114 28.69 25.66 16.79
N ILE A 115 28.09 24.71 17.50
CA ILE A 115 28.16 23.28 17.12
C ILE A 115 28.17 22.96 15.60
N LYS A 116 29.42 22.73 15.17
CA LYS A 116 29.84 22.27 13.85
C LYS A 116 29.66 20.75 13.66
N TYR A 117 29.01 20.35 12.57
CA TYR A 117 29.19 18.99 12.11
C TYR A 117 30.30 18.97 11.06
N VAL A 118 30.93 17.81 10.92
CA VAL A 118 32.14 17.70 10.14
C VAL A 118 32.11 16.32 9.52
N ALA A 119 32.85 16.10 8.43
CA ALA A 119 32.65 14.82 7.76
C ALA A 119 32.94 13.67 8.71
N THR A 120 32.22 12.59 8.48
CA THR A 120 32.21 11.47 9.36
C THR A 120 32.92 10.35 8.60
N MSE A 121 33.35 10.71 7.38
CA MSE A 121 33.97 9.80 6.42
C MSE A 121 34.84 10.53 5.39
O MSE A 121 34.62 11.70 5.08
CB MSE A 121 32.90 9.03 5.66
CG MSE A 121 31.88 8.31 6.51
SE MSE A 121 30.79 7.10 5.44
CE MSE A 121 30.16 8.41 4.16
N ASP A 122 35.80 9.81 4.84
CA ASP A 122 36.68 10.44 3.86
C ASP A 122 36.00 10.50 2.50
N ALA A 123 35.35 11.63 2.20
CA ALA A 123 34.69 11.81 0.91
C ALA A 123 35.56 11.36 -0.25
N ARG A 124 36.87 11.54 -0.10
CA ARG A 124 37.79 11.11 -1.14
C ARG A 124 37.51 9.66 -1.49
N GLU A 125 37.34 8.85 -0.45
CA GLU A 125 37.09 7.42 -0.58
C GLU A 125 35.75 7.16 -1.25
N ILE A 126 34.71 7.80 -0.74
CA ILE A 126 33.39 7.59 -1.29
C ILE A 126 33.39 7.89 -2.78
N ARG A 127 33.96 9.02 -3.18
CA ARG A 127 33.92 9.38 -4.58
C ARG A 127 34.55 8.30 -5.43
N LYS A 128 35.66 7.73 -4.97
CA LYS A 128 36.28 6.60 -5.67
C LYS A 128 35.26 5.48 -5.87
N LYS A 129 34.66 5.00 -4.78
CA LYS A 129 33.62 3.98 -4.85
C LYS A 129 32.49 4.30 -5.85
N ALA A 130 32.15 5.58 -5.98
CA ALA A 130 31.13 6.02 -6.92
C ALA A 130 31.69 5.97 -8.31
N ASP A 131 32.81 6.65 -8.49
CA ASP A 131 33.52 6.68 -9.77
C ASP A 131 33.68 5.26 -10.33
N LEU A 132 33.96 4.31 -9.44
CA LEU A 132 34.08 2.92 -9.85
C LEU A 132 32.72 2.37 -10.28
N ALA A 133 31.72 2.45 -9.41
CA ALA A 133 30.39 1.96 -9.78
C ALA A 133 29.87 2.60 -11.06
N ALA A 134 30.45 3.73 -11.45
CA ALA A 134 29.99 4.44 -12.63
C ALA A 134 30.58 3.82 -13.89
N LYS A 135 31.87 3.55 -13.83
CA LYS A 135 32.62 2.89 -14.90
C LYS A 135 31.96 1.55 -15.21
N GLU A 136 31.61 0.83 -14.16
CA GLU A 136 31.03 -0.49 -14.29
C GLU A 136 29.67 -0.43 -14.95
N TYR A 137 28.83 0.52 -14.51
CA TYR A 137 27.55 0.74 -15.15
C TYR A 137 27.75 0.91 -16.66
N ARG A 138 28.53 1.91 -17.03
CA ARG A 138 28.73 2.23 -18.43
C ARG A 138 29.22 1.04 -19.28
N GLN A 139 30.15 0.25 -18.74
CA GLN A 139 30.65 -0.91 -19.46
C GLN A 139 29.49 -1.87 -19.75
N LEU A 140 28.88 -2.38 -18.69
CA LEU A 140 27.70 -3.23 -18.79
C LEU A 140 26.65 -2.68 -19.75
N ASP A 141 26.31 -1.40 -19.60
CA ASP A 141 25.28 -0.80 -20.45
C ASP A 141 25.63 -0.93 -21.92
N VAL A 142 26.83 -0.46 -22.26
CA VAL A 142 27.35 -0.58 -23.61
C VAL A 142 27.37 -2.04 -24.08
N ASP A 143 27.92 -2.95 -23.28
CA ASP A 143 27.91 -4.34 -23.68
C ASP A 143 26.50 -4.80 -23.99
N ILE A 144 25.53 -4.38 -23.17
CA ILE A 144 24.14 -4.76 -23.38
C ILE A 144 23.56 -4.14 -24.67
N GLN A 145 23.78 -2.85 -24.87
CA GLN A 145 23.31 -2.16 -26.07
C GLN A 145 23.86 -2.87 -27.30
N ARG A 146 25.09 -3.34 -27.18
CA ARG A 146 25.69 -4.04 -28.27
C ARG A 146 24.85 -5.29 -28.53
N LEU A 147 24.80 -6.19 -27.57
CA LEU A 147 24.09 -7.46 -27.70
C LEU A 147 22.68 -7.24 -28.22
N ASN A 148 22.01 -6.21 -27.72
CA ASN A 148 20.64 -5.86 -28.12
C ASN A 148 20.53 -5.71 -29.64
N TRP A 149 21.61 -5.23 -30.27
CA TRP A 149 21.64 -4.95 -31.70
C TRP A 149 22.12 -6.11 -32.58
N GLN A 150 22.53 -7.19 -31.95
CA GLN A 150 22.87 -8.39 -32.70
C GLN A 150 22.08 -9.59 -32.18
N THR A 151 20.81 -9.37 -31.88
CA THR A 151 19.94 -10.43 -31.36
C THR A 151 18.54 -10.38 -31.96
N GLU A 152 18.06 -11.51 -32.45
CA GLU A 152 16.74 -11.55 -33.06
C GLU A 152 15.69 -11.71 -32.00
N LEU A 153 14.68 -10.87 -32.06
CA LEU A 153 13.57 -10.94 -31.12
C LEU A 153 12.87 -12.29 -31.29
N GLN A 154 12.83 -13.07 -30.22
CA GLN A 154 12.03 -14.28 -30.19
C GLN A 154 10.54 -13.96 -30.22
N ALA B 3 -9.51 -12.07 37.03
CA ALA B 3 -10.57 -12.32 36.06
C ALA B 3 -11.86 -11.53 36.37
N MSE B 4 -12.62 -11.20 35.33
CA MSE B 4 -13.71 -10.23 35.44
C MSE B 4 -14.69 -10.35 34.29
O MSE B 4 -14.60 -11.29 33.48
CB MSE B 4 -13.13 -8.82 35.38
CG MSE B 4 -12.68 -8.45 33.97
SE MSE B 4 -11.12 -7.31 33.83
CE MSE B 4 -9.94 -8.52 32.83
N TYR B 5 -15.61 -9.39 34.17
CA TYR B 5 -16.58 -9.32 33.07
C TYR B 5 -15.98 -8.69 31.81
N LEU B 6 -16.38 -9.21 30.65
CA LEU B 6 -15.92 -8.69 29.36
C LEU B 6 -16.03 -7.17 29.23
N ALA B 7 -17.07 -6.57 29.80
CA ALA B 7 -17.24 -5.12 29.75
C ALA B 7 -16.06 -4.43 30.42
N GLU B 8 -15.68 -4.92 31.60
CA GLU B 8 -14.57 -4.36 32.37
C GLU B 8 -13.30 -4.43 31.54
N ALA B 9 -13.10 -5.57 30.88
CA ALA B 9 -11.97 -5.78 29.97
C ALA B 9 -11.86 -4.75 28.82
N LEU B 10 -12.99 -4.43 28.19
CA LEU B 10 -13.02 -3.42 27.13
C LEU B 10 -12.58 -2.07 27.66
N ALA B 11 -12.97 -1.75 28.89
CA ALA B 11 -12.55 -0.51 29.54
C ALA B 11 -11.04 -0.49 29.76
N GLN B 12 -10.52 -1.56 30.35
CA GLN B 12 -9.10 -1.69 30.58
C GLN B 12 -8.26 -1.55 29.31
N ARG B 13 -8.68 -2.21 28.23
CA ARG B 13 -7.94 -2.05 26.97
C ARG B 13 -7.83 -0.57 26.67
N VAL B 14 -8.98 0.09 26.58
CA VAL B 14 -9.03 1.50 26.25
C VAL B 14 -8.07 2.36 27.07
N GLU B 15 -8.13 2.21 28.39
CA GLU B 15 -7.23 2.90 29.31
C GLU B 15 -5.77 2.63 28.96
N ALA B 16 -5.43 1.35 28.82
CA ALA B 16 -4.05 0.97 28.52
C ALA B 16 -3.54 1.66 27.25
N GLN B 17 -4.25 1.50 26.14
CA GLN B 17 -3.81 2.08 24.87
C GLN B 17 -3.65 3.59 24.99
N ARG B 18 -4.36 4.17 25.96
CA ARG B 18 -4.31 5.61 26.18
C ARG B 18 -3.04 5.92 26.91
N ARG B 19 -2.77 5.15 27.95
CA ARG B 19 -1.53 5.27 28.69
C ARG B 19 -0.37 5.06 27.74
N TYR B 20 -0.43 4.00 26.97
CA TYR B 20 0.60 3.68 26.00
C TYR B 20 0.89 4.89 25.14
N SER B 21 -0.14 5.39 24.48
CA SER B 21 0.01 6.56 23.62
C SER B 21 0.68 7.70 24.36
N GLU B 22 0.36 7.82 25.65
CA GLU B 22 0.84 8.92 26.46
C GLU B 22 2.30 8.74 26.88
N LEU B 23 2.60 7.56 27.38
CA LEU B 23 3.98 7.19 27.65
C LEU B 23 4.82 7.26 26.38
N ASN B 24 4.27 6.74 25.28
CA ASN B 24 4.96 6.78 23.99
C ASN B 24 5.40 8.21 23.71
N GLN B 25 4.47 9.14 23.93
CA GLN B 25 4.73 10.57 23.74
C GLN B 25 5.87 11.02 24.62
N LEU B 26 5.72 10.81 25.93
CA LEU B 26 6.73 11.23 26.91
C LEU B 26 8.13 10.76 26.51
N LEU B 27 8.26 9.47 26.30
CA LEU B 27 9.51 8.88 25.87
C LEU B 27 10.22 9.73 24.83
N LEU B 28 9.53 10.01 23.73
CA LEU B 28 10.14 10.79 22.66
C LEU B 28 10.61 12.20 23.05
N ASP B 29 9.80 12.89 23.84
CA ASP B 29 10.14 14.24 24.27
C ASP B 29 11.44 14.17 25.07
N VAL B 30 11.43 13.19 25.96
CA VAL B 30 12.51 12.92 26.89
C VAL B 30 13.70 12.20 26.23
N ALA B 31 13.62 11.86 24.95
CA ALA B 31 14.69 11.10 24.31
C ALA B 31 15.92 11.93 23.98
N LYS B 32 15.74 13.24 23.86
CA LYS B 32 16.87 14.14 23.69
C LYS B 32 17.03 15.15 24.82
N VAL B 33 17.89 16.13 24.57
CA VAL B 33 18.12 17.20 25.51
C VAL B 33 19.38 17.96 25.03
N GLN B 34 19.83 18.94 25.78
CA GLN B 34 21.13 19.50 25.49
C GLN B 34 22.05 19.25 26.70
N GLU B 35 23.35 19.52 26.52
CA GLU B 35 24.40 19.29 27.51
C GLU B 35 23.95 19.01 28.94
N GLY B 36 23.57 20.07 29.63
CA GLY B 36 23.51 20.06 31.08
C GLY B 36 22.18 20.06 31.77
N ASP B 37 21.16 19.47 31.15
CA ASP B 37 19.92 19.21 31.87
C ASP B 37 19.98 17.75 32.39
N GLN B 38 18.82 17.21 32.75
CA GLN B 38 18.71 15.81 33.13
C GLN B 38 17.43 15.17 32.54
N PRO B 39 17.31 13.84 32.59
CA PRO B 39 16.00 13.32 32.21
C PRO B 39 15.00 13.76 33.26
N ALA B 40 13.86 14.30 32.83
CA ALA B 40 12.85 14.71 33.78
C ALA B 40 12.11 13.47 34.33
N GLU B 41 12.17 12.39 33.56
CA GLU B 41 11.77 11.06 34.00
C GLU B 41 12.69 10.09 33.25
N ASN B 42 12.99 8.95 33.86
CA ASN B 42 14.02 8.12 33.25
C ASN B 42 13.57 7.27 32.08
N PRO B 43 14.05 7.63 30.89
CA PRO B 43 13.80 6.96 29.61
C PRO B 43 13.76 5.46 29.78
N HIS B 44 14.88 4.85 30.12
CA HIS B 44 14.97 3.39 30.23
C HIS B 44 13.86 2.79 31.11
N GLU B 45 13.42 3.57 32.11
CA GLU B 45 12.33 3.18 33.00
C GLU B 45 10.99 3.26 32.27
N ILE B 46 10.72 4.44 31.71
CA ILE B 46 9.53 4.67 30.90
C ILE B 46 9.41 3.68 29.74
N LEU B 47 10.52 3.36 29.09
CA LEU B 47 10.52 2.33 28.06
C LEU B 47 10.03 0.99 28.61
N THR B 48 10.55 0.56 29.74
CA THR B 48 10.06 -0.71 30.28
C THR B 48 8.58 -0.63 30.70
N GLU B 49 8.17 0.52 31.28
CA GLU B 49 6.78 0.70 31.71
C GLU B 49 5.85 0.40 30.55
N LEU B 50 6.34 0.76 29.37
CA LEU B 50 5.62 0.70 28.12
C LEU B 50 5.59 -0.72 27.59
N GLU B 51 6.75 -1.35 27.56
CA GLU B 51 6.88 -2.72 27.07
C GLU B 51 6.03 -3.66 27.93
N GLU B 52 5.73 -3.23 29.16
CA GLU B 52 4.90 -3.99 30.07
C GLU B 52 3.44 -3.80 29.75
N LEU B 53 3.04 -2.56 29.45
CA LEU B 53 1.68 -2.32 28.95
C LEU B 53 1.41 -3.16 27.71
N THR B 54 2.38 -3.15 26.81
CA THR B 54 2.25 -3.88 25.56
C THR B 54 1.87 -5.34 25.82
N THR B 55 2.72 -6.07 26.53
CA THR B 55 2.41 -7.47 26.80
C THR B 55 1.09 -7.65 27.54
N ARG B 56 0.62 -6.58 28.20
CA ARG B 56 -0.59 -6.63 29.00
C ARG B 56 -1.78 -6.39 28.08
N ILE B 57 -1.72 -5.30 27.35
CA ILE B 57 -2.75 -5.03 26.35
C ILE B 57 -2.97 -6.23 25.45
N ASN B 58 -1.88 -6.81 24.95
CA ASN B 58 -1.95 -7.90 23.99
C ASN B 58 -2.62 -9.12 24.56
N ASP B 59 -2.61 -9.20 25.89
CA ASP B 59 -3.28 -10.25 26.62
C ASP B 59 -4.80 -10.03 26.58
N LEU B 60 -5.26 -8.87 27.08
CA LEU B 60 -6.67 -8.49 27.03
C LEU B 60 -7.29 -8.65 25.64
N VAL B 61 -6.54 -8.24 24.63
CA VAL B 61 -7.00 -8.40 23.27
C VAL B 61 -7.26 -9.87 22.92
N ARG B 62 -6.24 -10.72 23.02
CA ARG B 62 -6.42 -12.13 22.74
C ARG B 62 -7.62 -12.67 23.53
N ARG B 63 -7.71 -12.30 24.80
CA ARG B 63 -8.76 -12.79 25.71
C ARG B 63 -10.12 -12.29 25.28
N ILE B 64 -10.22 -10.98 25.12
CA ILE B 64 -11.43 -10.34 24.59
C ILE B 64 -11.84 -10.99 23.27
N ASN B 65 -10.90 -11.08 22.33
CA ASN B 65 -11.09 -11.83 21.08
C ASN B 65 -11.68 -13.20 21.30
N ARG B 66 -10.98 -14.03 22.08
CA ARG B 66 -11.45 -15.37 22.39
C ARG B 66 -12.90 -15.39 22.90
N THR B 67 -13.21 -14.56 23.88
CA THR B 67 -14.58 -14.58 24.42
C THR B 67 -15.62 -14.07 23.43
N ASN B 68 -15.28 -13.05 22.63
CA ASN B 68 -16.24 -12.56 21.64
C ASN B 68 -16.63 -13.68 20.70
N SER B 69 -15.68 -14.52 20.33
CA SER B 69 -15.93 -15.50 19.28
C SER B 69 -16.45 -16.80 19.87
N VAL B 70 -16.87 -16.77 21.13
CA VAL B 70 -17.29 -17.98 21.81
C VAL B 70 -18.60 -17.82 22.56
N THR B 71 -18.99 -16.59 22.84
CA THR B 71 -20.23 -16.40 23.58
C THR B 71 -21.40 -16.20 22.64
N GLU B 72 -22.49 -16.90 22.91
CA GLU B 72 -23.70 -16.75 22.13
C GLU B 72 -24.29 -15.37 22.35
N PHE B 73 -24.59 -14.68 21.25
CA PHE B 73 -25.32 -13.42 21.28
C PHE B 73 -26.79 -13.68 21.01
N SER B 74 -27.06 -14.62 20.10
CA SER B 74 -28.42 -15.04 19.77
C SER B 74 -28.39 -16.29 18.90
N GLU B 75 -29.56 -16.80 18.56
CA GLU B 75 -29.69 -17.97 17.70
C GLU B 75 -28.72 -17.96 16.50
N GLY B 76 -27.63 -18.71 16.63
CA GLY B 76 -26.66 -18.84 15.55
C GLY B 76 -25.79 -17.60 15.32
N MSE B 77 -25.63 -16.79 16.37
CA MSE B 77 -24.77 -15.62 16.25
C MSE B 77 -23.84 -15.42 17.44
O MSE B 77 -24.29 -15.14 18.55
CB MSE B 77 -25.60 -14.36 16.03
CG MSE B 77 -25.90 -14.03 14.59
SE MSE B 77 -26.69 -12.24 14.55
CE MSE B 77 -27.27 -12.18 12.68
N THR B 78 -22.56 -15.57 17.20
CA THR B 78 -21.57 -15.29 18.23
C THR B 78 -21.60 -13.79 18.48
N LEU B 79 -21.01 -13.35 19.56
CA LEU B 79 -20.84 -11.91 19.82
C LEU B 79 -19.91 -11.28 18.80
N ALA B 80 -19.01 -12.07 18.24
CA ALA B 80 -18.06 -11.57 17.27
C ALA B 80 -18.82 -11.24 16.00
N ASP B 81 -19.84 -12.07 15.76
CA ASP B 81 -20.69 -11.92 14.58
C ASP B 81 -21.53 -10.67 14.72
N ALA B 82 -22.06 -10.44 15.91
CA ALA B 82 -22.89 -9.28 16.19
C ALA B 82 -22.10 -7.97 16.20
N LEU B 83 -20.88 -8.05 16.70
CA LEU B 83 -20.01 -6.90 16.68
C LEU B 83 -19.80 -6.37 15.26
N SER B 84 -19.59 -7.28 14.30
CA SER B 84 -19.35 -6.87 12.91
C SER B 84 -20.64 -6.39 12.17
N VAL B 85 -21.77 -7.02 12.45
CA VAL B 85 -23.05 -6.46 12.01
C VAL B 85 -23.24 -5.01 12.53
N ARG B 86 -22.91 -4.77 13.79
CA ARG B 86 -23.02 -3.42 14.30
C ARG B 86 -22.14 -2.44 13.51
N ASP B 87 -20.95 -2.87 13.12
CA ASP B 87 -20.06 -2.02 12.36
C ASP B 87 -20.72 -1.73 11.04
N ALA B 88 -21.18 -2.77 10.39
CA ALA B 88 -21.88 -2.67 9.12
C ALA B 88 -23.07 -1.73 9.17
N LEU B 89 -23.83 -1.79 10.25
CA LEU B 89 -25.00 -0.91 10.40
C LEU B 89 -24.58 0.55 10.49
N LEU B 90 -23.46 0.81 11.14
CA LEU B 90 -22.92 2.16 11.20
C LEU B 90 -22.48 2.62 9.80
N LYS B 91 -21.62 1.83 9.18
CA LYS B 91 -21.19 2.11 7.82
C LYS B 91 -22.44 2.47 7.02
N LYS B 92 -23.48 1.65 7.17
CA LYS B 92 -24.74 1.80 6.44
C LYS B 92 -25.48 3.08 6.79
N ARG B 93 -25.60 3.38 8.07
CA ARG B 93 -26.24 4.63 8.47
C ARG B 93 -25.50 5.82 7.94
N THR B 94 -24.17 5.78 8.04
CA THR B 94 -23.39 6.88 7.52
C THR B 94 -23.74 7.09 6.05
N LEU B 95 -23.76 6.00 5.29
CA LEU B 95 -24.07 6.06 3.87
C LEU B 95 -25.33 6.86 3.57
N TYR B 96 -26.46 6.42 4.08
CA TYR B 96 -27.72 7.09 3.78
C TYR B 96 -27.72 8.55 4.26
N SER B 97 -27.20 8.80 5.44
CA SER B 97 -27.13 10.17 5.97
C SER B 97 -26.41 11.12 5.02
N ASP B 98 -25.24 10.70 4.54
CA ASP B 98 -24.44 11.51 3.61
C ASP B 98 -25.20 11.71 2.32
N LEU B 99 -25.74 10.62 1.79
CA LEU B 99 -26.51 10.69 0.55
C LEU B 99 -27.64 11.69 0.71
N ALA B 100 -28.35 11.61 1.83
CA ALA B 100 -29.49 12.48 2.05
C ALA B 100 -29.10 13.95 2.08
N ASP B 101 -28.19 14.31 2.98
CA ASP B 101 -27.92 15.73 3.11
C ASP B 101 -27.13 16.25 1.89
N GLN B 102 -26.73 15.33 1.01
CA GLN B 102 -26.15 15.69 -0.28
C GLN B 102 -27.25 15.99 -1.33
N LEU B 103 -28.45 15.47 -1.08
CA LEU B 103 -29.63 15.76 -1.89
C LEU B 103 -30.32 17.02 -1.42
N THR B 104 -30.03 17.45 -0.20
CA THR B 104 -30.65 18.65 0.35
C THR B 104 -29.62 19.78 0.39
N SER B 105 -28.45 19.45 -0.14
CA SER B 105 -27.37 20.39 -0.42
C SER B 105 -27.65 21.36 -1.58
N ARG B 106 -27.59 22.65 -1.27
CA ARG B 106 -27.80 23.70 -2.26
C ARG B 106 -26.48 24.26 -2.81
N GLN B 107 -26.56 24.79 -4.02
CA GLN B 107 -25.55 25.71 -4.49
C GLN B 107 -26.36 26.82 -5.16
N ASP B 108 -26.50 27.95 -4.48
CA ASP B 108 -27.34 29.02 -4.99
C ASP B 108 -26.68 29.64 -6.24
N ARG B 109 -27.43 29.64 -7.35
CA ARG B 109 -26.98 30.27 -8.60
C ARG B 109 -27.69 31.60 -8.79
N TYR B 110 -27.14 32.43 -9.66
CA TYR B 110 -27.58 33.81 -9.72
C TYR B 110 -28.41 34.14 -10.97
N SER B 111 -28.44 33.22 -11.93
CA SER B 111 -29.19 33.42 -13.17
C SER B 111 -30.11 32.24 -13.31
N ARG B 112 -31.38 32.53 -13.64
CA ARG B 112 -32.30 31.47 -14.04
C ARG B 112 -31.83 30.78 -15.34
N SER B 113 -30.89 31.43 -16.04
CA SER B 113 -30.38 30.94 -17.33
C SER B 113 -29.16 30.03 -17.20
N GLU B 114 -28.75 29.84 -15.93
CA GLU B 114 -27.62 29.02 -15.51
C GLU B 114 -28.06 27.60 -15.13
N ILE B 115 -27.43 26.62 -15.76
CA ILE B 115 -27.81 25.21 -15.55
C ILE B 115 -27.93 24.82 -14.06
N LYS B 116 -29.16 24.55 -13.67
CA LYS B 116 -29.46 24.03 -12.33
C LYS B 116 -29.22 22.51 -12.15
N TYR B 117 -28.80 22.11 -10.95
CA TYR B 117 -28.87 20.71 -10.62
C TYR B 117 -30.02 20.46 -9.64
N VAL B 118 -30.44 19.21 -9.58
CA VAL B 118 -31.71 18.87 -8.96
C VAL B 118 -31.59 17.47 -8.37
N ALA B 119 -32.24 17.22 -7.23
CA ALA B 119 -32.21 15.89 -6.66
C ALA B 119 -32.58 14.82 -7.68
N THR B 120 -31.62 13.96 -7.94
CA THR B 120 -31.83 12.81 -8.79
C THR B 120 -32.59 11.73 -8.02
N MSE B 121 -32.94 12.04 -6.78
CA MSE B 121 -33.57 11.08 -5.88
C MSE B 121 -34.46 11.73 -4.82
O MSE B 121 -34.39 12.93 -4.58
CB MSE B 121 -32.52 10.25 -5.18
CG MSE B 121 -31.57 9.50 -6.09
SE MSE B 121 -30.65 8.11 -5.10
CE MSE B 121 -30.27 9.13 -3.50
N ASP B 122 -35.29 10.92 -4.17
CA ASP B 122 -36.22 11.48 -3.21
C ASP B 122 -35.60 11.43 -1.82
N ALA B 123 -35.15 12.57 -1.36
CA ALA B 123 -34.50 12.66 -0.06
C ALA B 123 -35.38 12.14 1.06
N ARG B 124 -36.69 12.37 0.93
CA ARG B 124 -37.61 11.88 1.95
C ARG B 124 -37.35 10.39 2.17
N GLU B 125 -37.16 9.66 1.08
CA GLU B 125 -36.98 8.21 1.12
C GLU B 125 -35.66 7.84 1.75
N ILE B 126 -34.60 8.50 1.29
CA ILE B 126 -33.28 8.22 1.83
C ILE B 126 -33.25 8.43 3.34
N ARG B 127 -33.75 9.56 3.81
CA ARG B 127 -33.73 9.82 5.24
C ARG B 127 -34.43 8.70 6.01
N LYS B 128 -35.56 8.21 5.52
CA LYS B 128 -36.22 7.04 6.10
C LYS B 128 -35.21 5.90 6.23
N LYS B 129 -34.64 5.48 5.11
CA LYS B 129 -33.61 4.43 5.10
C LYS B 129 -32.47 4.64 6.13
N ALA B 130 -32.10 5.90 6.35
CA ALA B 130 -31.05 6.23 7.32
C ALA B 130 -31.62 6.10 8.71
N ASP B 131 -32.74 6.80 8.92
CA ASP B 131 -33.45 6.78 10.19
C ASP B 131 -33.64 5.33 10.64
N LEU B 132 -33.91 4.44 9.70
CA LEU B 132 -34.07 3.04 10.01
C LEU B 132 -32.72 2.44 10.41
N ALA B 133 -31.74 2.51 9.53
CA ALA B 133 -30.43 1.98 9.86
C ALA B 133 -29.90 2.53 11.20
N ALA B 134 -30.45 3.65 11.66
CA ALA B 134 -29.96 4.24 12.88
C ALA B 134 -30.58 3.56 14.09
N LYS B 135 -31.88 3.31 14.02
CA LYS B 135 -32.63 2.63 15.07
C LYS B 135 -31.99 1.27 15.27
N GLU B 136 -31.68 0.60 14.15
CA GLU B 136 -31.13 -0.74 14.20
C GLU B 136 -29.77 -0.76 14.90
N TYR B 137 -28.90 0.17 14.52
CA TYR B 137 -27.60 0.30 15.17
C TYR B 137 -27.77 0.40 16.68
N ARG B 138 -28.54 1.39 17.12
CA ARG B 138 -28.73 1.61 18.54
C ARG B 138 -29.28 0.38 19.29
N GLN B 139 -30.23 -0.34 18.71
CA GLN B 139 -30.76 -1.55 19.34
C GLN B 139 -29.65 -2.56 19.56
N LEU B 140 -29.02 -3.01 18.47
CA LEU B 140 -27.84 -3.87 18.50
C LEU B 140 -26.77 -3.40 19.48
N ASP B 141 -26.41 -2.13 19.43
CA ASP B 141 -25.37 -1.63 20.32
C ASP B 141 -25.75 -1.87 21.76
N VAL B 142 -26.92 -1.40 22.14
CA VAL B 142 -27.43 -1.57 23.48
C VAL B 142 -27.49 -3.05 23.88
N ASP B 143 -28.05 -3.89 23.03
CA ASP B 143 -28.10 -5.32 23.33
C ASP B 143 -26.68 -5.85 23.59
N ILE B 144 -25.71 -5.39 22.80
CA ILE B 144 -24.32 -5.84 22.98
C ILE B 144 -23.75 -5.32 24.30
N GLN B 145 -23.97 -4.05 24.60
CA GLN B 145 -23.50 -3.45 25.84
C GLN B 145 -24.04 -4.23 27.05
N ARG B 146 -25.29 -4.68 26.96
CA ARG B 146 -25.88 -5.48 28.02
C ARG B 146 -25.17 -6.83 28.18
N LEU B 147 -24.99 -7.54 27.08
CA LEU B 147 -24.33 -8.84 27.11
C LEU B 147 -22.91 -8.67 27.64
N ASN B 148 -22.25 -7.60 27.20
CA ASN B 148 -20.88 -7.32 27.62
C ASN B 148 -20.76 -7.30 29.14
N TRP B 149 -21.83 -6.87 29.80
CA TRP B 149 -21.83 -6.65 31.24
C TRP B 149 -22.34 -7.84 32.05
N GLN B 150 -22.77 -8.89 31.35
CA GLN B 150 -23.16 -10.13 32.02
C GLN B 150 -22.40 -11.30 31.40
N THR B 151 -21.13 -11.09 31.11
CA THR B 151 -20.28 -12.13 30.51
C THR B 151 -18.88 -12.15 31.12
N GLU B 152 -18.43 -13.34 31.51
CA GLU B 152 -17.10 -13.45 32.11
C GLU B 152 -16.05 -13.58 31.02
N LEU B 153 -15.02 -12.74 31.13
CA LEU B 153 -13.90 -12.79 30.21
C LEU B 153 -13.24 -14.15 30.29
N GLN B 154 -13.21 -14.87 29.17
CA GLN B 154 -12.43 -16.09 29.08
C GLN B 154 -10.95 -15.80 29.13
N ASN C 2 20.13 -21.01 1.97
CA ASN C 2 18.78 -21.49 2.24
C ASN C 2 17.87 -21.32 1.02
N ALA C 3 17.01 -22.31 0.80
CA ALA C 3 16.05 -22.34 -0.31
C ALA C 3 14.60 -22.51 0.17
N MSE C 4 13.65 -21.98 -0.61
CA MSE C 4 12.27 -21.80 -0.15
C MSE C 4 11.30 -21.62 -1.32
O MSE C 4 11.68 -21.77 -2.48
CB MSE C 4 12.19 -20.53 0.69
CG MSE C 4 12.29 -19.26 -0.16
SE MSE C 4 13.18 -17.70 0.63
CE MSE C 4 14.55 -17.43 -0.71
N TYR C 5 10.06 -21.27 -0.99
CA TYR C 5 9.03 -20.98 -2.00
C TYR C 5 9.16 -19.57 -2.58
N LEU C 6 8.88 -19.42 -3.86
CA LEU C 6 8.91 -18.13 -4.54
C LEU C 6 8.12 -17.02 -3.84
N ALA C 7 7.00 -17.36 -3.21
CA ALA C 7 6.25 -16.37 -2.44
C ALA C 7 7.10 -15.80 -1.32
N GLU C 8 7.77 -16.66 -0.57
CA GLU C 8 8.63 -16.24 0.54
C GLU C 8 9.70 -15.28 0.04
N ALA C 9 10.30 -15.63 -1.10
CA ALA C 9 11.30 -14.79 -1.76
C ALA C 9 10.82 -13.37 -2.08
N LEU C 10 9.60 -13.24 -2.61
CA LEU C 10 9.03 -11.95 -2.92
C LEU C 10 8.92 -11.11 -1.66
N ALA C 11 8.59 -11.76 -0.55
CA ALA C 11 8.46 -11.07 0.73
C ALA C 11 9.83 -10.56 1.16
N GLN C 12 10.82 -11.44 1.16
CA GLN C 12 12.17 -11.07 1.51
C GLN C 12 12.72 -9.91 0.68
N ARG C 13 12.50 -9.92 -0.63
CA ARG C 13 12.94 -8.79 -1.46
C ARG C 13 12.37 -7.51 -0.85
N VAL C 14 11.04 -7.47 -0.72
CA VAL C 14 10.36 -6.30 -0.20
C VAL C 14 10.95 -5.76 1.11
N GLU C 15 11.14 -6.66 2.08
CA GLU C 15 11.75 -6.33 3.37
C GLU C 15 13.14 -5.71 3.18
N ALA C 16 13.98 -6.39 2.41
CA ALA C 16 15.34 -5.92 2.16
C ALA C 16 15.35 -4.51 1.57
N GLN C 17 14.64 -4.28 0.48
CA GLN C 17 14.64 -2.95 -0.15
C GLN C 17 14.16 -1.88 0.83
N ARG C 18 13.38 -2.31 1.81
CA ARG C 18 12.84 -1.40 2.83
C ARG C 18 13.94 -1.07 3.81
N ARG C 19 14.62 -2.11 4.29
CA ARG C 19 15.78 -1.93 5.15
C ARG C 19 16.82 -1.07 4.46
N TYR C 20 17.11 -1.39 3.20
CA TYR C 20 18.05 -0.63 2.40
C TYR C 20 17.67 0.83 2.42
N SER C 21 16.46 1.13 2.01
CA SER C 21 15.98 2.49 1.96
C SER C 21 16.19 3.15 3.33
N GLU C 22 15.98 2.38 4.39
CA GLU C 22 16.05 2.90 5.75
C GLU C 22 17.48 3.13 6.21
N LEU C 23 18.33 2.13 6.03
CA LEU C 23 19.78 2.27 6.22
C LEU C 23 20.37 3.40 5.39
N ASN C 24 20.01 3.43 4.10
CA ASN C 24 20.42 4.50 3.21
C ASN C 24 20.15 5.85 3.85
N GLN C 25 18.96 6.00 4.43
CA GLN C 25 18.56 7.22 5.11
C GLN C 25 19.49 7.52 6.28
N LEU C 26 19.61 6.54 7.17
CA LEU C 26 20.43 6.67 8.37
C LEU C 26 21.83 7.16 8.05
N LEU C 27 22.49 6.42 7.18
CA LEU C 27 23.81 6.77 6.68
C LEU C 27 23.95 8.27 6.41
N LEU C 28 23.09 8.82 5.57
CA LEU C 28 23.18 10.23 5.22
C LEU C 28 23.05 11.17 6.42
N ASP C 29 22.14 10.87 7.33
CA ASP C 29 21.90 11.73 8.49
C ASP C 29 23.16 11.77 9.32
N VAL C 30 23.70 10.57 9.49
CA VAL C 30 24.88 10.30 10.28
C VAL C 30 26.19 10.61 9.55
N ALA C 31 26.12 11.08 8.30
CA ALA C 31 27.35 11.38 7.54
C ALA C 31 28.06 12.65 8.01
N LYS C 32 27.36 13.46 8.80
CA LYS C 32 27.98 14.56 9.56
C LYS C 32 27.54 14.43 11.01
N VAL C 33 28.34 14.96 11.93
CA VAL C 33 28.12 14.71 13.36
C VAL C 33 28.55 15.93 14.14
N GLN C 34 27.98 16.13 15.33
CA GLN C 34 28.40 17.25 16.17
C GLN C 34 29.92 17.22 16.42
N GLU C 35 30.58 18.36 16.22
CA GLU C 35 32.03 18.45 16.27
C GLU C 35 32.63 17.59 17.39
N GLY C 36 32.13 17.75 18.60
CA GLY C 36 32.58 16.93 19.71
C GLY C 36 32.52 15.41 19.58
N ASP C 37 31.35 14.88 19.24
CA ASP C 37 31.11 13.46 19.47
C ASP C 37 31.34 12.54 18.29
N GLN C 38 30.90 11.30 18.49
CA GLN C 38 30.95 10.26 17.48
C GLN C 38 29.54 10.06 16.91
N PRO C 39 29.41 9.18 15.90
CA PRO C 39 28.11 9.00 15.25
C PRO C 39 27.22 8.13 16.12
N ALA C 40 25.92 8.41 16.15
CA ALA C 40 25.01 7.60 16.93
C ALA C 40 25.17 6.11 16.56
N GLU C 41 25.57 5.87 15.32
CA GLU C 41 25.84 4.55 14.78
C GLU C 41 27.04 4.67 13.85
N ASN C 42 27.84 3.63 13.72
CA ASN C 42 29.03 3.84 12.92
C ASN C 42 28.85 3.73 11.43
N PRO C 43 29.00 4.87 10.76
CA PRO C 43 28.92 5.03 9.30
C PRO C 43 29.54 3.86 8.57
N HIS C 44 30.85 3.70 8.68
CA HIS C 44 31.55 2.63 7.94
C HIS C 44 30.90 1.25 8.16
N GLU C 45 30.31 1.06 9.34
CA GLU C 45 29.61 -0.18 9.66
C GLU C 45 28.31 -0.24 8.89
N ILE C 46 27.51 0.81 9.06
CA ILE C 46 26.26 0.95 8.36
C ILE C 46 26.44 0.82 6.85
N LEU C 47 27.49 1.44 6.31
CA LEU C 47 27.81 1.31 4.89
C LEU C 47 28.00 -0.15 4.49
N THR C 48 28.76 -0.91 5.26
CA THR C 48 28.92 -2.33 4.90
C THR C 48 27.60 -3.13 5.06
N GLU C 49 26.81 -2.81 6.08
CA GLU C 49 25.53 -3.49 6.31
C GLU C 49 24.69 -3.43 5.05
N LEU C 50 24.82 -2.27 4.38
CA LEU C 50 24.06 -1.91 3.19
C LEU C 50 24.60 -2.63 1.98
N GLU C 51 25.91 -2.60 1.81
CA GLU C 51 26.55 -3.21 0.65
C GLU C 51 26.29 -4.70 0.66
N GLU C 52 25.99 -5.22 1.85
CA GLU C 52 25.67 -6.64 2.04
C GLU C 52 24.22 -6.93 1.65
N LEU C 53 23.30 -6.06 2.06
CA LEU C 53 21.92 -6.17 1.58
C LEU C 53 21.91 -6.15 0.04
N THR C 54 22.64 -5.22 -0.53
CA THR C 54 22.67 -5.06 -1.97
C THR C 54 23.01 -6.38 -2.63
N THR C 55 24.16 -6.98 -2.31
CA THR C 55 24.52 -8.25 -2.96
C THR C 55 23.55 -9.39 -2.63
N ARG C 56 22.90 -9.30 -1.47
CA ARG C 56 21.79 -10.17 -1.12
C ARG C 56 20.62 -9.93 -2.06
N ILE C 57 19.99 -8.77 -1.93
CA ILE C 57 18.86 -8.40 -2.78
C ILE C 57 19.04 -8.85 -4.21
N ASN C 58 20.17 -8.47 -4.79
CA ASN C 58 20.45 -8.72 -6.20
C ASN C 58 20.45 -10.18 -6.55
N ASP C 59 20.65 -11.00 -5.51
CA ASP C 59 20.59 -12.44 -5.60
C ASP C 59 19.12 -12.87 -5.75
N LEU C 60 18.27 -12.49 -4.79
CA LEU C 60 16.85 -12.83 -4.82
C LEU C 60 16.22 -12.42 -6.13
N VAL C 61 16.57 -11.24 -6.62
CA VAL C 61 16.01 -10.75 -7.86
C VAL C 61 16.34 -11.69 -9.00
N ARG C 62 17.62 -11.95 -9.13
CA ARG C 62 18.13 -12.80 -10.16
C ARG C 62 17.41 -14.14 -10.12
N ARG C 63 17.26 -14.67 -8.91
CA ARG C 63 16.64 -15.98 -8.65
C ARG C 63 15.15 -15.93 -8.94
N ILE C 64 14.46 -14.99 -8.31
CA ILE C 64 13.07 -14.71 -8.60
C ILE C 64 12.83 -14.59 -10.12
N ASN C 65 13.62 -13.71 -10.77
CA ASN C 65 13.60 -13.59 -12.23
C ASN C 65 13.68 -14.93 -12.95
N ARG C 66 14.75 -15.67 -12.72
CA ARG C 66 14.87 -17.00 -13.29
C ARG C 66 13.61 -17.85 -13.12
N THR C 67 13.17 -18.05 -11.87
CA THR C 67 12.03 -18.92 -11.65
C THR C 67 10.74 -18.41 -12.31
N ASN C 68 10.54 -17.09 -12.34
CA ASN C 68 9.36 -16.54 -13.03
C ASN C 68 9.35 -16.94 -14.49
N SER C 69 10.51 -16.93 -15.12
CA SER C 69 10.60 -17.16 -16.55
C SER C 69 10.76 -18.64 -16.89
N VAL C 70 10.52 -19.51 -15.90
CA VAL C 70 10.76 -20.92 -16.09
C VAL C 70 9.65 -21.81 -15.55
N THR C 71 8.93 -21.34 -14.54
CA THR C 71 7.77 -22.10 -14.09
C THR C 71 6.62 -21.79 -15.06
N GLU C 72 5.76 -22.76 -15.32
CA GLU C 72 4.65 -22.53 -16.22
C GLU C 72 3.43 -22.16 -15.42
N PHE C 73 2.71 -21.18 -15.92
CA PHE C 73 1.51 -20.68 -15.28
C PHE C 73 0.27 -21.33 -15.88
N SER C 74 0.33 -21.59 -17.19
CA SER C 74 -0.75 -22.26 -17.91
C SER C 74 -0.29 -22.65 -19.32
N GLU C 75 -1.19 -23.27 -20.07
CA GLU C 75 -0.89 -23.67 -21.44
C GLU C 75 -0.14 -22.56 -22.22
N GLY C 76 1.17 -22.74 -22.38
CA GLY C 76 1.95 -21.79 -23.16
C GLY C 76 2.21 -20.44 -22.52
N MSE C 77 2.11 -20.38 -21.20
CA MSE C 77 2.36 -19.13 -20.49
C MSE C 77 3.26 -19.30 -19.26
O MSE C 77 2.87 -19.92 -18.27
CB MSE C 77 1.06 -18.46 -20.07
CG MSE C 77 0.49 -17.50 -21.10
SE MSE C 77 -1.01 -16.57 -20.27
CE MSE C 77 -1.76 -15.71 -21.85
N THR C 78 4.46 -18.75 -19.34
CA THR C 78 5.34 -18.73 -18.20
C THR C 78 4.70 -17.82 -17.15
N LEU C 79 5.19 -17.87 -15.92
CA LEU C 79 4.74 -16.96 -14.90
C LEU C 79 5.17 -15.52 -15.21
N ALA C 80 6.24 -15.37 -15.96
CA ALA C 80 6.75 -14.06 -16.30
C ALA C 80 5.78 -13.45 -17.27
N ASP C 81 5.20 -14.32 -18.07
CA ASP C 81 4.26 -13.87 -19.09
C ASP C 81 3.00 -13.40 -18.40
N ALA C 82 2.60 -14.14 -17.36
CA ALA C 82 1.36 -13.84 -16.65
C ALA C 82 1.50 -12.59 -15.80
N LEU C 83 2.69 -12.44 -15.22
CA LEU C 83 2.97 -11.23 -14.46
C LEU C 83 2.75 -9.98 -15.28
N SER C 84 3.22 -9.99 -16.54
CA SER C 84 3.10 -8.79 -17.38
C SER C 84 1.67 -8.57 -17.88
N VAL C 85 0.97 -9.66 -18.20
CA VAL C 85 -0.47 -9.55 -18.46
C VAL C 85 -1.22 -8.89 -17.29
N ARG C 86 -0.89 -9.29 -16.07
CA ARG C 86 -1.49 -8.68 -14.90
C ARG C 86 -1.21 -7.16 -14.87
N ASP C 87 0.00 -6.77 -15.23
CA ASP C 87 0.34 -5.35 -15.21
C ASP C 87 -0.53 -4.65 -16.21
N ALA C 88 -0.58 -5.22 -17.41
CA ALA C 88 -1.40 -4.68 -18.48
C ALA C 88 -2.88 -4.53 -18.10
N LEU C 89 -3.41 -5.50 -17.36
CA LEU C 89 -4.80 -5.47 -16.96
C LEU C 89 -5.04 -4.32 -16.00
N LEU C 90 -4.05 -4.05 -15.16
CA LEU C 90 -4.19 -2.93 -14.26
C LEU C 90 -4.15 -1.64 -15.05
N LYS C 91 -3.11 -1.50 -15.88
CA LYS C 91 -3.00 -0.34 -16.75
C LYS C 91 -4.36 -0.10 -17.41
N LYS C 92 -4.92 -1.18 -17.97
CA LYS C 92 -6.23 -1.18 -18.63
C LYS C 92 -7.39 -0.78 -17.73
N ARG C 93 -7.49 -1.37 -16.55
CA ARG C 93 -8.54 -0.98 -15.63
C ARG C 93 -8.45 0.49 -15.28
N THR C 94 -7.23 0.94 -14.99
CA THR C 94 -7.05 2.33 -14.65
C THR C 94 -7.62 3.19 -15.77
N LEU C 95 -7.29 2.83 -17.00
CA LEU C 95 -7.73 3.55 -18.18
C LEU C 95 -9.24 3.80 -18.21
N TYR C 96 -10.02 2.72 -18.22
CA TYR C 96 -11.46 2.86 -18.25
C TYR C 96 -12.03 3.60 -17.04
N SER C 97 -11.53 3.31 -15.85
CA SER C 97 -12.00 3.99 -14.64
C SER C 97 -11.85 5.50 -14.74
N ASP C 98 -10.68 5.97 -15.20
CA ASP C 98 -10.42 7.41 -15.36
C ASP C 98 -11.33 8.03 -16.42
N LEU C 99 -11.46 7.33 -17.53
CA LEU C 99 -12.30 7.78 -18.62
C LEU C 99 -13.73 7.91 -18.14
N ALA C 100 -14.20 6.94 -17.38
CA ALA C 100 -15.58 6.94 -16.91
C ALA C 100 -15.87 8.10 -15.98
N ASP C 101 -15.09 8.20 -14.91
CA ASP C 101 -15.42 9.24 -13.96
C ASP C 101 -15.07 10.64 -14.52
N GLN C 102 -14.42 10.67 -15.69
CA GLN C 102 -14.20 11.91 -16.42
C GLN C 102 -15.44 12.27 -17.24
N LEU C 103 -16.25 11.27 -17.54
CA LEU C 103 -17.53 11.44 -18.22
C LEU C 103 -18.67 11.77 -17.25
N THR C 104 -18.44 11.52 -15.96
CA THR C 104 -19.47 11.77 -14.95
C THR C 104 -19.02 12.75 -13.86
N SER C 105 -17.81 12.58 -13.34
CA SER C 105 -17.33 13.41 -12.22
C SER C 105 -17.17 14.84 -12.74
N ARG C 106 -16.41 14.97 -13.82
CA ARG C 106 -16.16 16.26 -14.47
C ARG C 106 -17.46 16.91 -14.88
N GLN C 107 -18.56 16.41 -14.34
CA GLN C 107 -19.88 16.92 -14.68
C GLN C 107 -20.51 17.76 -13.55
N ASP C 108 -20.45 17.27 -12.31
CA ASP C 108 -21.18 17.91 -11.19
C ASP C 108 -20.43 19.08 -10.51
N ARG C 109 -19.15 18.88 -10.19
CA ARG C 109 -18.28 19.93 -9.66
C ARG C 109 -17.84 20.79 -10.83
N TYR C 110 -18.50 20.54 -11.97
CA TYR C 110 -18.17 21.14 -13.25
C TYR C 110 -18.76 22.54 -13.44
N SER C 111 -20.08 22.68 -13.36
CA SER C 111 -20.73 23.92 -13.76
C SER C 111 -20.84 25.03 -12.70
N ARG C 112 -20.65 26.25 -13.17
CA ARG C 112 -21.11 27.47 -12.50
C ARG C 112 -21.71 28.41 -13.56
N SER C 113 -21.52 28.05 -14.83
CA SER C 113 -22.07 28.78 -15.96
C SER C 113 -23.40 28.18 -16.38
N GLU C 114 -23.86 28.64 -17.56
CA GLU C 114 -25.26 28.60 -18.02
C GLU C 114 -25.47 27.90 -19.38
N ILE C 115 -24.52 27.02 -19.70
CA ILE C 115 -24.53 26.11 -20.85
C ILE C 115 -24.41 24.70 -20.23
N LYS C 116 -25.08 23.68 -20.80
CA LYS C 116 -24.89 22.26 -20.38
C LYS C 116 -23.57 21.65 -20.84
N TYR C 117 -23.12 20.62 -20.10
CA TYR C 117 -21.90 19.86 -20.42
C TYR C 117 -22.37 18.56 -21.01
N VAL C 118 -21.71 18.11 -22.08
CA VAL C 118 -22.11 16.88 -22.72
C VAL C 118 -20.95 15.87 -22.80
N ALA C 119 -21.29 14.59 -22.67
CA ALA C 119 -20.32 13.52 -22.74
C ALA C 119 -20.40 12.96 -24.13
N THR C 120 -19.27 12.55 -24.66
CA THR C 120 -19.26 12.06 -26.02
C THR C 120 -19.30 10.55 -26.11
N MSE C 121 -19.57 9.89 -24.98
CA MSE C 121 -19.62 8.43 -24.87
C MSE C 121 -20.52 7.91 -23.73
O MSE C 121 -20.69 8.59 -22.71
CB MSE C 121 -18.21 7.88 -24.65
CG MSE C 121 -17.11 8.58 -25.42
SE MSE C 121 -15.47 7.55 -25.34
CE MSE C 121 -15.45 7.26 -23.42
N ASP C 122 -21.05 6.70 -23.86
CA ASP C 122 -21.93 6.18 -22.82
C ASP C 122 -21.13 5.73 -21.62
N ALA C 123 -21.04 6.58 -20.58
CA ALA C 123 -20.34 6.19 -19.35
C ALA C 123 -20.79 4.82 -18.88
N ARG C 124 -22.06 4.50 -19.06
CA ARG C 124 -22.59 3.21 -18.66
C ARG C 124 -21.71 2.10 -19.27
N GLU C 125 -21.38 2.28 -20.54
CA GLU C 125 -20.57 1.32 -21.29
C GLU C 125 -19.14 1.26 -20.76
N ILE C 126 -18.52 2.41 -20.62
CA ILE C 126 -17.15 2.45 -20.10
C ILE C 126 -17.06 1.75 -18.76
N ARG C 127 -17.93 2.06 -17.82
CA ARG C 127 -17.87 1.44 -16.52
C ARG C 127 -17.90 -0.08 -16.64
N LYS C 128 -18.75 -0.61 -17.52
CA LYS C 128 -18.77 -2.05 -17.78
C LYS C 128 -17.37 -2.51 -18.15
N LYS C 129 -16.82 -1.94 -19.23
CA LYS C 129 -15.45 -2.26 -19.63
C LYS C 129 -14.40 -2.22 -18.50
N ALA C 130 -14.55 -1.30 -17.56
CA ALA C 130 -13.64 -1.19 -16.41
C ALA C 130 -13.94 -2.31 -15.47
N ASP C 131 -15.21 -2.40 -15.09
CA ASP C 131 -15.68 -3.44 -14.18
C ASP C 131 -15.19 -4.79 -14.66
N LEU C 132 -15.16 -4.99 -15.96
CA LEU C 132 -14.68 -6.23 -16.52
C LEU C 132 -13.18 -6.34 -16.32
N ALA C 133 -12.44 -5.36 -16.82
CA ALA C 133 -10.98 -5.40 -16.66
C ALA C 133 -10.59 -5.59 -15.19
N ALA C 134 -11.49 -5.27 -14.27
CA ALA C 134 -11.18 -5.35 -12.85
C ALA C 134 -11.30 -6.77 -12.36
N LYS C 135 -12.37 -7.43 -12.77
CA LYS C 135 -12.60 -8.84 -12.43
C LYS C 135 -11.44 -9.66 -12.96
N GLU C 136 -11.03 -9.39 -14.19
CA GLU C 136 -9.93 -10.13 -14.79
C GLU C 136 -8.63 -9.94 -14.02
N TYR C 137 -8.30 -8.71 -13.66
CA TYR C 137 -7.10 -8.43 -12.86
C TYR C 137 -7.12 -9.32 -11.62
N ARG C 138 -8.16 -9.21 -10.81
CA ARG C 138 -8.26 -9.93 -9.57
C ARG C 138 -8.13 -11.45 -9.73
N GLN C 139 -8.75 -12.02 -10.77
CA GLN C 139 -8.62 -13.46 -11.03
C GLN C 139 -7.16 -13.83 -11.25
N LEU C 140 -6.55 -13.25 -12.28
CA LEU C 140 -5.14 -13.40 -12.56
C LEU C 140 -4.25 -13.22 -11.33
N ASP C 141 -4.49 -12.14 -10.58
CA ASP C 141 -3.65 -11.84 -9.42
C ASP C 141 -3.71 -12.99 -8.42
N VAL C 142 -4.92 -13.35 -8.04
CA VAL C 142 -5.14 -14.47 -7.13
C VAL C 142 -4.52 -15.77 -7.68
N ASP C 143 -4.76 -16.09 -8.94
CA ASP C 143 -4.15 -17.29 -9.52
C ASP C 143 -2.63 -17.25 -9.37
N ILE C 144 -2.04 -16.07 -9.57
CA ILE C 144 -0.60 -15.91 -9.46
C ILE C 144 -0.14 -16.06 -8.00
N GLN C 145 -0.84 -15.41 -7.07
CA GLN C 145 -0.50 -15.52 -5.66
C GLN C 145 -0.50 -16.99 -5.21
N ARG C 146 -1.41 -17.79 -5.78
CA ARG C 146 -1.51 -19.21 -5.42
C ARG C 146 -0.30 -19.97 -5.93
N LEU C 147 0.01 -19.76 -7.21
CA LEU C 147 1.16 -20.40 -7.82
C LEU C 147 2.42 -20.01 -7.07
N ASN C 148 2.50 -18.73 -6.68
CA ASN C 148 3.66 -18.21 -5.98
C ASN C 148 3.94 -19.00 -4.73
N TRP C 149 2.88 -19.50 -4.11
CA TRP C 149 2.96 -20.20 -2.82
C TRP C 149 3.11 -21.73 -2.93
N GLN C 150 3.07 -22.25 -4.16
CA GLN C 150 3.35 -23.65 -4.37
C GLN C 150 4.44 -23.81 -5.42
N THR C 151 5.46 -22.95 -5.33
CA THR C 151 6.59 -22.99 -6.26
C THR C 151 7.93 -22.79 -5.56
N GLU C 152 8.89 -23.67 -5.83
CA GLU C 152 10.19 -23.57 -5.21
C GLU C 152 11.07 -22.58 -5.97
N LEU C 153 11.64 -21.63 -5.24
CA LEU C 153 12.57 -20.68 -5.82
C LEU C 153 13.75 -21.41 -6.44
N GLN C 154 13.93 -21.27 -7.74
CA GLN C 154 15.13 -21.77 -8.39
C GLN C 154 16.36 -20.99 -7.94
N ALA D 3 -17.53 -21.70 -2.24
CA ALA D 3 -16.57 -21.87 -1.15
C ALA D 3 -15.13 -22.05 -1.66
N MSE D 4 -14.16 -21.61 -0.85
CA MSE D 4 -12.78 -21.46 -1.29
C MSE D 4 -11.82 -21.37 -0.11
O MSE D 4 -12.20 -21.60 1.05
CB MSE D 4 -12.65 -20.14 -2.06
CG MSE D 4 -12.74 -18.93 -1.12
SE MSE D 4 -13.56 -17.31 -1.85
CE MSE D 4 -14.91 -17.00 -0.47
N TYR D 5 -10.57 -21.01 -0.39
CA TYR D 5 -9.54 -20.83 0.63
C TYR D 5 -9.65 -19.47 1.27
N LEU D 6 -9.31 -19.40 2.57
CA LEU D 6 -9.34 -18.16 3.34
C LEU D 6 -8.56 -17.02 2.70
N ALA D 7 -7.45 -17.35 2.05
CA ALA D 7 -6.65 -16.32 1.35
C ALA D 7 -7.49 -15.66 0.27
N GLU D 8 -8.18 -16.48 -0.53
CA GLU D 8 -9.02 -15.98 -1.60
C GLU D 8 -10.04 -15.02 -1.02
N ALA D 9 -10.61 -15.40 0.12
CA ALA D 9 -11.61 -14.59 0.82
C ALA D 9 -11.11 -13.21 1.25
N LEU D 10 -9.88 -13.15 1.73
CA LEU D 10 -9.27 -11.89 2.12
C LEU D 10 -9.15 -10.96 0.93
N ALA D 11 -8.81 -11.53 -0.22
CA ALA D 11 -8.73 -10.76 -1.46
C ALA D 11 -10.09 -10.21 -1.86
N GLN D 12 -11.11 -11.07 -1.93
CA GLN D 12 -12.47 -10.64 -2.24
C GLN D 12 -12.98 -9.50 -1.34
N ARG D 13 -12.77 -9.61 -0.03
CA ARG D 13 -13.19 -8.54 0.86
C ARG D 13 -12.58 -7.24 0.35
N VAL D 14 -11.25 -7.20 0.26
CA VAL D 14 -10.55 -6.02 -0.21
C VAL D 14 -11.14 -5.41 -1.48
N GLU D 15 -11.33 -6.23 -2.51
CA GLU D 15 -11.93 -5.80 -3.77
C GLU D 15 -13.29 -5.17 -3.52
N ALA D 16 -14.16 -5.91 -2.83
CA ALA D 16 -15.51 -5.42 -2.54
C ALA D 16 -15.50 -4.04 -1.87
N GLN D 17 -14.75 -3.89 -0.77
CA GLN D 17 -14.73 -2.61 -0.06
C GLN D 17 -14.22 -1.48 -0.95
N ARG D 18 -13.45 -1.87 -1.97
CA ARG D 18 -12.90 -0.91 -2.94
C ARG D 18 -14.00 -0.49 -3.88
N ARG D 19 -14.70 -1.48 -4.41
CA ARG D 19 -15.87 -1.23 -5.26
C ARG D 19 -16.89 -0.39 -4.50
N TYR D 20 -17.21 -0.79 -3.28
CA TYR D 20 -18.13 -0.06 -2.43
C TYR D 20 -17.71 1.39 -2.35
N SER D 21 -16.48 1.63 -1.92
CA SER D 21 -15.98 2.98 -1.82
C SER D 21 -16.14 3.76 -3.13
N GLU D 22 -15.97 3.05 -4.24
CA GLU D 22 -16.05 3.65 -5.56
C GLU D 22 -17.47 3.93 -6.01
N LEU D 23 -18.34 2.92 -5.90
CA LEU D 23 -19.78 3.12 -6.09
C LEU D 23 -20.32 4.19 -5.16
N ASN D 24 -19.94 4.13 -3.89
CA ASN D 24 -20.33 5.15 -2.92
C ASN D 24 -20.05 6.54 -3.46
N GLN D 25 -18.87 6.70 -4.06
CA GLN D 25 -18.44 7.96 -4.64
C GLN D 25 -19.36 8.36 -5.79
N LEU D 26 -19.48 7.46 -6.75
CA LEU D 26 -20.30 7.68 -7.93
C LEU D 26 -21.70 8.18 -7.55
N LEU D 27 -22.36 7.39 -6.73
CA LEU D 27 -23.67 7.73 -6.21
C LEU D 27 -23.79 9.20 -5.84
N LEU D 28 -22.90 9.68 -4.99
CA LEU D 28 -22.97 11.07 -4.54
C LEU D 28 -22.83 12.08 -5.68
N ASP D 29 -21.92 11.82 -6.61
CA ASP D 29 -21.67 12.75 -7.71
C ASP D 29 -22.96 12.85 -8.51
N VAL D 30 -23.50 11.67 -8.78
CA VAL D 30 -24.71 11.49 -9.56
C VAL D 30 -26.01 11.79 -8.79
N ALA D 31 -25.91 12.18 -7.53
CA ALA D 31 -27.13 12.45 -6.75
C ALA D 31 -27.81 13.75 -7.17
N LYS D 32 -27.09 14.57 -7.92
CA LYS D 32 -27.62 15.83 -8.48
C LYS D 32 -27.26 15.91 -9.97
N VAL D 33 -28.21 16.35 -10.79
CA VAL D 33 -28.02 16.25 -12.22
C VAL D 33 -28.32 17.57 -12.91
N GLN D 34 -27.67 17.79 -14.03
CA GLN D 34 -28.03 18.92 -14.89
C GLN D 34 -29.54 18.95 -15.12
N GLU D 35 -30.18 19.99 -14.60
CA GLU D 35 -31.57 20.37 -14.88
C GLU D 35 -32.25 19.60 -16.01
N GLY D 36 -31.89 19.94 -17.23
CA GLY D 36 -32.53 19.31 -18.37
C GLY D 36 -32.67 17.79 -18.37
N ASP D 37 -31.59 17.08 -18.10
CA ASP D 37 -31.49 15.68 -18.46
C ASP D 37 -31.49 14.63 -17.32
N GLN D 38 -30.87 13.50 -17.65
CA GLN D 38 -30.80 12.28 -16.84
C GLN D 38 -29.36 12.01 -16.34
N PRO D 39 -29.20 11.00 -15.48
CA PRO D 39 -27.92 10.81 -14.80
C PRO D 39 -27.00 9.81 -15.51
N ALA D 40 -25.71 10.13 -15.58
CA ALA D 40 -24.70 9.24 -16.17
C ALA D 40 -24.98 7.74 -16.00
N GLU D 41 -25.28 7.35 -14.77
CA GLU D 41 -25.75 6.01 -14.45
C GLU D 41 -27.07 6.21 -13.71
N ASN D 42 -27.77 5.14 -13.39
CA ASN D 42 -28.99 5.34 -12.62
C ASN D 42 -28.82 5.15 -11.13
N PRO D 43 -28.93 6.25 -10.38
CA PRO D 43 -28.85 6.31 -8.93
C PRO D 43 -29.48 5.10 -8.27
N HIS D 44 -30.80 4.95 -8.39
CA HIS D 44 -31.52 3.86 -7.74
C HIS D 44 -30.92 2.49 -8.03
N GLU D 45 -30.31 2.35 -9.21
CA GLU D 45 -29.65 1.11 -9.61
C GLU D 45 -28.33 0.97 -8.87
N ILE D 46 -27.51 1.99 -8.97
CA ILE D 46 -26.26 2.07 -8.25
C ILE D 46 -26.45 1.86 -6.75
N LEU D 47 -27.50 2.43 -6.18
CA LEU D 47 -27.79 2.25 -4.78
C LEU D 47 -28.02 0.78 -4.47
N THR D 48 -28.79 0.10 -5.29
CA THR D 48 -28.99 -1.33 -5.00
C THR D 48 -27.69 -2.15 -5.22
N GLU D 49 -26.91 -1.80 -6.23
CA GLU D 49 -25.63 -2.49 -6.51
C GLU D 49 -24.79 -2.50 -5.24
N LEU D 50 -24.88 -1.39 -4.52
CA LEU D 50 -24.11 -1.14 -3.31
C LEU D 50 -24.68 -1.92 -2.15
N GLU D 51 -25.99 -1.86 -1.96
CA GLU D 51 -26.64 -2.53 -0.85
C GLU D 51 -26.38 -4.04 -0.95
N GLU D 52 -26.10 -4.50 -2.17
CA GLU D 52 -25.84 -5.91 -2.44
C GLU D 52 -24.42 -6.25 -2.08
N LEU D 53 -23.48 -5.37 -2.41
CA LEU D 53 -22.09 -5.53 -1.94
C LEU D 53 -22.06 -5.59 -0.43
N THR D 54 -22.77 -4.67 0.21
CA THR D 54 -22.82 -4.63 1.65
C THR D 54 -23.18 -6.00 2.24
N THR D 55 -24.34 -6.56 1.89
CA THR D 55 -24.73 -7.85 2.46
C THR D 55 -23.76 -8.95 2.05
N ARG D 56 -23.02 -8.73 0.97
CA ARG D 56 -22.04 -9.69 0.46
C ARG D 56 -20.75 -9.62 1.24
N ILE D 57 -20.23 -8.41 1.41
CA ILE D 57 -19.05 -8.15 2.24
C ILE D 57 -19.24 -8.68 3.63
N ASN D 58 -20.37 -8.31 4.24
CA ASN D 58 -20.67 -8.64 5.63
C ASN D 58 -20.68 -10.12 5.87
N ASP D 59 -20.93 -10.87 4.79
CA ASP D 59 -20.90 -12.31 4.77
C ASP D 59 -19.45 -12.78 4.91
N LEU D 60 -18.60 -12.36 3.97
CA LEU D 60 -17.17 -12.72 3.98
C LEU D 60 -16.52 -12.41 5.32
N VAL D 61 -16.90 -11.28 5.90
CA VAL D 61 -16.33 -10.87 7.17
C VAL D 61 -16.67 -11.87 8.27
N ARG D 62 -17.96 -12.13 8.48
CA ARG D 62 -18.35 -13.11 9.49
C ARG D 62 -17.68 -14.44 9.24
N ARG D 63 -17.60 -14.84 7.96
CA ARG D 63 -17.01 -16.12 7.59
C ARG D 63 -15.53 -16.12 7.88
N ILE D 64 -14.83 -15.14 7.33
CA ILE D 64 -13.43 -14.92 7.63
C ILE D 64 -13.19 -14.90 9.14
N ASN D 65 -13.93 -14.05 9.85
CA ASN D 65 -13.92 -14.07 11.31
C ASN D 65 -14.01 -15.46 11.93
N ARG D 66 -15.05 -16.24 11.58
CA ARG D 66 -15.25 -17.56 12.18
C ARG D 66 -14.11 -18.50 11.88
N THR D 67 -13.58 -18.45 10.67
CA THR D 67 -12.48 -19.35 10.39
C THR D 67 -11.19 -18.93 11.09
N ASN D 68 -10.96 -17.62 11.19
CA ASN D 68 -9.76 -17.15 11.91
C ASN D 68 -9.78 -17.66 13.33
N SER D 69 -10.95 -17.66 13.95
CA SER D 69 -11.04 -17.95 15.37
C SER D 69 -11.24 -19.43 15.62
N VAL D 70 -11.03 -20.25 14.60
CA VAL D 70 -11.28 -21.68 14.69
C VAL D 70 -10.15 -22.50 14.08
N THR D 71 -9.42 -21.90 13.16
CA THR D 71 -8.25 -22.50 12.54
C THR D 71 -7.06 -22.43 13.47
N GLU D 72 -6.37 -23.55 13.70
CA GLU D 72 -5.24 -23.55 14.63
C GLU D 72 -3.92 -23.19 13.95
N PHE D 73 -3.26 -22.15 14.47
CA PHE D 73 -2.03 -21.61 13.90
C PHE D 73 -0.81 -22.31 14.47
N SER D 74 -0.87 -22.62 15.76
CA SER D 74 0.19 -23.36 16.41
C SER D 74 -0.28 -23.83 17.78
N GLU D 75 0.61 -24.51 18.49
CA GLU D 75 0.33 -24.98 19.84
C GLU D 75 -0.40 -23.93 20.71
N GLY D 76 -1.71 -24.09 20.86
CA GLY D 76 -2.49 -23.19 21.71
C GLY D 76 -2.69 -21.80 21.12
N MSE D 77 -2.62 -21.68 19.80
CA MSE D 77 -2.84 -20.39 19.18
C MSE D 77 -3.73 -20.47 17.94
O MSE D 77 -3.35 -21.03 16.92
CB MSE D 77 -1.51 -19.74 18.84
CG MSE D 77 -0.94 -18.89 19.93
SE MSE D 77 0.48 -17.89 19.15
CE MSE D 77 1.31 -17.12 20.75
N THR D 78 -4.92 -19.89 18.06
CA THR D 78 -5.82 -19.76 16.93
C THR D 78 -5.18 -18.78 15.94
N LEU D 79 -5.65 -18.77 14.70
CA LEU D 79 -5.16 -17.79 13.74
C LEU D 79 -5.57 -16.37 14.14
N ALA D 80 -6.65 -16.25 14.90
CA ALA D 80 -7.13 -14.96 15.35
C ALA D 80 -6.15 -14.43 16.35
N ASP D 81 -5.57 -15.33 17.12
CA ASP D 81 -4.61 -14.98 18.15
C ASP D 81 -3.33 -14.50 17.50
N ALA D 82 -2.92 -15.18 16.43
CA ALA D 82 -1.70 -14.85 15.72
C ALA D 82 -1.83 -13.54 14.95
N LEU D 83 -3.00 -13.32 14.39
CA LEU D 83 -3.26 -12.07 13.69
C LEU D 83 -2.99 -10.87 14.61
N SER D 84 -3.46 -10.95 15.86
CA SER D 84 -3.34 -9.81 16.77
C SER D 84 -1.91 -9.66 17.32
N VAL D 85 -1.23 -10.77 17.56
CA VAL D 85 0.22 -10.72 17.80
C VAL D 85 0.96 -10.01 16.65
N ARG D 86 0.60 -10.32 15.40
CA ARG D 86 1.22 -9.63 14.28
C ARG D 86 0.99 -8.12 14.32
N ASP D 87 -0.21 -7.71 14.73
CA ASP D 87 -0.52 -6.30 14.81
C ASP D 87 0.37 -5.69 15.85
N ALA D 88 0.43 -6.34 17.01
CA ALA D 88 1.26 -5.91 18.12
C ALA D 88 2.74 -5.78 17.76
N LEU D 89 3.23 -6.70 16.95
CA LEU D 89 4.62 -6.67 16.55
C LEU D 89 4.87 -5.47 15.68
N LEU D 90 3.91 -5.12 14.83
CA LEU D 90 4.05 -3.91 14.02
C LEU D 90 4.05 -2.65 14.89
N LYS D 91 3.02 -2.52 15.72
CA LYS D 91 2.94 -1.42 16.66
C LYS D 91 4.30 -1.28 17.33
N LYS D 92 4.87 -2.41 17.76
CA LYS D 92 6.15 -2.47 18.47
C LYS D 92 7.30 -2.04 17.59
N ARG D 93 7.37 -2.56 16.36
CA ARG D 93 8.43 -2.15 15.48
C ARG D 93 8.36 -0.66 15.21
N THR D 94 7.17 -0.17 14.96
CA THR D 94 7.02 1.25 14.73
C THR D 94 7.62 2.02 15.89
N LEU D 95 7.26 1.61 17.10
CA LEU D 95 7.73 2.27 18.31
C LEU D 95 9.26 2.46 18.35
N TYR D 96 9.99 1.36 18.23
CA TYR D 96 11.43 1.43 18.33
C TYR D 96 12.03 2.23 17.18
N SER D 97 11.49 2.08 15.98
CA SER D 97 11.99 2.81 14.81
C SER D 97 11.89 4.32 14.99
N ASP D 98 10.73 4.78 15.49
CA ASP D 98 10.50 6.18 15.78
C ASP D 98 11.43 6.71 16.86
N LEU D 99 11.53 5.94 17.94
CA LEU D 99 12.42 6.28 19.03
C LEU D 99 13.85 6.43 18.54
N ALA D 100 14.30 5.49 17.73
CA ALA D 100 15.67 5.49 17.26
C ALA D 100 15.95 6.71 16.43
N ASP D 101 15.18 6.92 15.37
CA ASP D 101 15.53 8.00 14.49
C ASP D 101 15.20 9.37 15.14
N GLN D 102 14.57 9.32 16.31
CA GLN D 102 14.40 10.51 17.14
C GLN D 102 15.64 10.77 17.98
N LEU D 103 16.46 9.74 18.18
CA LEU D 103 17.72 9.85 18.88
C LEU D 103 18.84 10.23 17.94
N THR D 104 18.59 10.10 16.64
CA THR D 104 19.61 10.39 15.64
C THR D 104 19.20 11.43 14.60
N SER D 105 18.00 11.28 14.04
CA SER D 105 17.67 11.93 12.75
C SER D 105 17.20 13.36 12.88
N ARG D 106 15.88 13.55 12.75
CA ARG D 106 15.27 14.85 12.99
C ARG D 106 15.86 15.43 14.26
N GLN D 107 16.48 14.56 15.06
CA GLN D 107 17.09 14.91 16.33
C GLN D 107 18.45 15.60 16.17
N ASP D 108 19.39 14.92 15.53
CA ASP D 108 20.71 15.50 15.31
C ASP D 108 20.69 16.58 14.23
N ARG D 109 19.67 17.45 14.31
CA ARG D 109 19.70 18.78 13.69
C ARG D 109 19.84 19.80 14.82
N TYR D 110 20.78 20.75 14.65
CA TYR D 110 21.05 21.80 15.62
C TYR D 110 21.18 23.13 14.90
N SER D 111 20.10 23.50 14.17
CA SER D 111 20.03 24.63 13.22
C SER D 111 20.99 25.80 13.45
N ARG D 112 21.18 26.17 14.71
CA ARG D 112 22.13 27.19 15.10
C ARG D 112 22.11 27.17 16.62
N SER D 113 23.16 26.64 17.25
CA SER D 113 23.24 26.70 18.71
C SER D 113 24.71 26.67 19.12
N GLU D 114 25.04 27.32 20.25
CA GLU D 114 26.38 27.27 20.81
C GLU D 114 26.47 26.21 21.89
N ILE D 115 25.42 25.38 21.96
CA ILE D 115 25.29 24.21 22.87
C ILE D 115 24.97 22.89 22.07
N LYS D 116 25.46 21.74 22.56
CA LYS D 116 25.19 20.41 21.93
C LYS D 116 23.82 19.84 22.32
N TYR D 117 23.30 18.97 21.44
CA TYR D 117 22.12 18.14 21.70
C TYR D 117 22.58 16.79 22.22
N VAL D 118 21.79 16.16 23.10
CA VAL D 118 22.20 14.85 23.61
C VAL D 118 21.10 13.78 23.60
N ALA D 119 21.40 12.59 23.05
CA ALA D 119 20.51 11.42 23.21
C ALA D 119 20.53 10.92 24.62
N THR D 120 19.34 10.68 25.15
CA THR D 120 19.20 10.24 26.52
C THR D 120 19.27 8.71 26.64
N MSE D 121 19.31 8.02 25.50
CA MSE D 121 19.47 6.55 25.43
C MSE D 121 20.37 6.11 24.27
O MSE D 121 20.71 6.89 23.38
CB MSE D 121 18.12 5.86 25.23
CG MSE D 121 17.07 6.07 26.30
SE MSE D 121 15.34 5.52 25.55
CE MSE D 121 15.36 6.67 23.97
N ASP D 122 20.69 4.83 24.24
CA ASP D 122 21.61 4.35 23.23
C ASP D 122 20.88 3.99 21.95
N ALA D 123 21.11 4.77 20.89
CA ALA D 123 20.43 4.48 19.63
C ALA D 123 20.85 3.13 19.08
N ARG D 124 22.11 2.79 19.25
CA ARG D 124 22.59 1.52 18.76
C ARG D 124 21.71 0.41 19.30
N GLU D 125 21.40 0.49 20.59
CA GLU D 125 20.55 -0.49 21.28
C GLU D 125 19.11 -0.47 20.74
N ILE D 126 18.54 0.72 20.63
CA ILE D 126 17.18 0.83 20.15
C ILE D 126 17.05 0.22 18.78
N ARG D 127 17.92 0.59 17.85
CA ARG D 127 17.85 0.01 16.53
C ARG D 127 17.85 -1.51 16.56
N LYS D 128 18.70 -2.11 17.40
CA LYS D 128 18.69 -3.57 17.56
C LYS D 128 17.28 -4.02 17.90
N LYS D 129 16.71 -3.47 18.96
CA LYS D 129 15.34 -3.79 19.38
C LYS D 129 14.27 -3.67 18.27
N ALA D 130 14.47 -2.71 17.38
CA ALA D 130 13.56 -2.49 16.25
C ALA D 130 13.83 -3.55 15.22
N ASP D 131 15.10 -3.67 14.86
CA ASP D 131 15.55 -4.66 13.88
C ASP D 131 15.04 -6.03 14.24
N LEU D 132 15.00 -6.32 15.53
CA LEU D 132 14.47 -7.59 16.02
C LEU D 132 12.96 -7.64 15.80
N ALA D 133 12.23 -6.69 16.37
CA ALA D 133 10.76 -6.68 16.19
C ALA D 133 10.37 -6.72 14.73
N ALA D 134 11.29 -6.37 13.83
CA ALA D 134 10.97 -6.36 12.41
C ALA D 134 11.06 -7.76 11.84
N LYS D 135 12.12 -8.48 12.19
CA LYS D 135 12.34 -9.86 11.77
C LYS D 135 11.16 -10.71 12.24
N GLU D 136 10.76 -10.50 13.48
CA GLU D 136 9.66 -11.26 14.06
C GLU D 136 8.35 -10.99 13.31
N TYR D 137 8.04 -9.73 13.04
CA TYR D 137 6.86 -9.39 12.27
C TYR D 137 6.86 -10.18 10.96
N ARG D 138 7.92 -10.03 10.18
CA ARG D 138 8.00 -10.69 8.89
C ARG D 138 7.83 -12.21 8.95
N GLN D 139 8.43 -12.85 9.95
CA GLN D 139 8.29 -14.31 10.10
C GLN D 139 6.81 -14.67 10.31
N LEU D 140 6.23 -14.13 11.37
CA LEU D 140 4.80 -14.29 11.63
C LEU D 140 3.92 -13.98 10.42
N ASP D 141 4.19 -12.88 9.73
CA ASP D 141 3.35 -12.49 8.60
C ASP D 141 3.37 -13.56 7.53
N VAL D 142 4.58 -13.96 7.13
CA VAL D 142 4.77 -15.01 6.15
C VAL D 142 4.15 -16.34 6.58
N ASP D 143 4.39 -16.76 7.82
CA ASP D 143 3.74 -17.96 8.32
C ASP D 143 2.22 -17.86 8.19
N ILE D 144 1.65 -16.69 8.47
CA ILE D 144 0.21 -16.49 8.37
C ILE D 144 -0.26 -16.54 6.92
N GLN D 145 0.44 -15.84 6.02
CA GLN D 145 0.09 -15.84 4.60
C GLN D 145 0.07 -17.28 4.08
N ARG D 146 0.95 -18.11 4.62
CA ARG D 146 1.07 -19.49 4.18
C ARG D 146 -0.19 -20.21 4.61
N LEU D 147 -0.47 -20.18 5.90
CA LEU D 147 -1.65 -20.83 6.44
C LEU D 147 -2.90 -20.35 5.73
N ASN D 148 -2.97 -19.05 5.44
CA ASN D 148 -4.13 -18.44 4.77
C ASN D 148 -4.41 -19.17 3.46
N TRP D 149 -3.35 -19.64 2.81
CA TRP D 149 -3.44 -20.26 1.49
C TRP D 149 -3.61 -21.77 1.50
N GLN D 150 -3.61 -22.37 2.68
CA GLN D 150 -3.91 -23.78 2.81
C GLN D 150 -5.02 -24.00 3.84
N THR D 151 -6.02 -23.13 3.83
CA THR D 151 -7.16 -23.21 4.75
C THR D 151 -8.48 -22.90 4.07
N GLU D 152 -9.46 -23.78 4.28
CA GLU D 152 -10.77 -23.60 3.65
C GLU D 152 -11.61 -22.66 4.48
N LEU D 153 -12.17 -21.65 3.82
CA LEU D 153 -13.05 -20.69 4.46
C LEU D 153 -14.26 -21.44 5.02
N GLN D 154 -14.46 -21.35 6.33
CA GLN D 154 -15.68 -21.87 6.95
C GLN D 154 -16.88 -21.03 6.56
#